data_3TQW
#
_entry.id   3TQW
#
_cell.length_a   96.787
_cell.length_b   112.216
_cell.length_c   100.236
_cell.angle_alpha   90.00
_cell.angle_beta   90.00
_cell.angle_gamma   90.00
#
_symmetry.space_group_name_H-M   'C 2 2 21'
#
loop_
_entity.id
_entity.type
_entity.pdbx_description
1 polymer 'Methionine-binding protein'
2 non-polymer METHIONINE
3 non-polymer 'SULFATE ION'
4 water water
#
_entity_poly.entity_id   1
_entity_poly.type   'polypeptide(L)'
_entity_poly.pdbx_seq_one_letter_code
;SNA(MSE)VRVGTIAGPETQL(MSE)EVAKQVALNRYGLHVNIITFSDYNTPNEALADGSVDAN(MSE)FQHLPYLKAQI
E(MSE)RGYKIVSIGKTFVYP(MSE)GLYSKKITALTQLKTGAKIAVPSDPSNEARALLLLEKAQLIQLKTHVTINATP
(MSE)DIASNPKKLKIVELDAAQLSRSLGDVDLAAINTNYAIPAGLSPSRDALLTEGPNSPYANVVAVREDDKNDPRLKQ
LVSALHSPAVLSAAKKIFGDGAIPA
;
_entity_poly.pdbx_strand_id   A,B
#
# COMPACT_ATOMS: atom_id res chain seq x y z
N VAL A 5 -11.08 -24.58 -9.86
CA VAL A 5 -9.86 -23.93 -9.37
C VAL A 5 -9.96 -22.41 -9.33
N ARG A 6 -9.78 -21.84 -8.15
CA ARG A 6 -9.85 -20.39 -7.99
C ARG A 6 -8.44 -19.80 -7.99
N VAL A 7 -8.21 -18.84 -8.88
N VAL A 7 -8.20 -18.86 -8.90
CA VAL A 7 -6.90 -18.22 -9.02
CA VAL A 7 -6.90 -18.22 -8.99
C VAL A 7 -6.97 -16.70 -8.83
C VAL A 7 -7.02 -16.72 -8.76
N GLY A 8 -6.15 -16.17 -7.92
CA GLY A 8 -6.14 -14.76 -7.64
C GLY A 8 -5.17 -14.00 -8.51
N THR A 9 -5.64 -12.88 -9.07
CA THR A 9 -4.80 -12.00 -9.87
C THR A 9 -5.04 -10.55 -9.46
N ILE A 10 -4.17 -9.66 -9.94
CA ILE A 10 -4.39 -8.24 -9.77
C ILE A 10 -5.15 -7.74 -11.00
N ALA A 11 -6.23 -7.01 -10.76
CA ALA A 11 -7.02 -6.44 -11.83
C ALA A 11 -6.13 -5.61 -12.76
N GLY A 12 -6.35 -5.75 -14.06
CA GLY A 12 -5.54 -5.06 -15.05
C GLY A 12 -5.06 -6.03 -16.12
N PRO A 13 -3.92 -5.70 -16.76
CA PRO A 13 -3.37 -6.46 -17.90
C PRO A 13 -3.08 -7.92 -17.57
N GLU A 14 -2.61 -8.19 -16.35
CA GLU A 14 -2.30 -9.57 -15.98
C GLU A 14 -3.56 -10.43 -15.82
N THR A 15 -4.66 -9.79 -15.47
CA THR A 15 -5.94 -10.49 -15.41
C THR A 15 -6.39 -10.85 -16.82
N GLN A 16 -6.13 -9.97 -17.79
CA GLN A 16 -6.42 -10.29 -19.19
C GLN A 16 -5.62 -11.49 -19.63
N LEU A 17 -4.34 -11.52 -19.25
CA LEU A 17 -3.48 -12.64 -19.56
C LEU A 17 -4.08 -13.91 -18.97
N GLU A 19 -7.14 -14.50 -18.30
CA GLU A 19 -8.37 -14.85 -18.99
C GLU A 19 -8.07 -15.77 -20.18
N VAL A 20 -6.97 -15.50 -20.87
CA VAL A 20 -6.58 -16.35 -21.98
C VAL A 20 -6.12 -17.71 -21.45
N ALA A 21 -5.38 -17.69 -20.35
CA ALA A 21 -4.92 -18.93 -19.75
C ALA A 21 -6.11 -19.78 -19.31
N LYS A 22 -7.16 -19.12 -18.83
CA LYS A 22 -8.38 -19.80 -18.39
C LYS A 22 -9.07 -20.52 -19.55
N GLN A 23 -9.07 -19.89 -20.72
CA GLN A 23 -9.65 -20.50 -21.90
C GLN A 23 -8.85 -21.72 -22.32
N VAL A 24 -7.53 -21.59 -22.32
CA VAL A 24 -6.65 -22.71 -22.64
C VAL A 24 -6.88 -23.84 -21.65
N ALA A 25 -6.99 -23.49 -20.37
CA ALA A 25 -7.20 -24.48 -19.32
C ALA A 25 -8.44 -25.31 -19.61
N LEU A 26 -9.52 -24.66 -20.02
CA LEU A 26 -10.78 -25.37 -20.30
C LEU A 26 -10.69 -26.16 -21.59
N ASN A 27 -10.25 -25.49 -22.66
CA ASN A 27 -10.25 -26.09 -24.00
C ASN A 27 -9.23 -27.22 -24.18
N ARG A 28 -8.08 -27.10 -23.52
N ARG A 28 -8.08 -27.10 -23.52
CA ARG A 28 -6.98 -28.02 -23.75
CA ARG A 28 -6.98 -28.03 -23.74
C ARG A 28 -6.75 -28.98 -22.57
C ARG A 28 -6.77 -28.99 -22.58
N TYR A 29 -7.17 -28.58 -21.38
CA TYR A 29 -6.98 -29.40 -20.19
C TYR A 29 -8.27 -29.89 -19.54
N GLY A 30 -9.41 -29.42 -20.03
CA GLY A 30 -10.69 -29.72 -19.43
C GLY A 30 -10.79 -29.22 -18.01
N LEU A 31 -10.06 -28.15 -17.70
CA LEU A 31 -9.99 -27.62 -16.33
C LEU A 31 -10.75 -26.29 -16.19
N HIS A 32 -11.61 -26.20 -15.18
CA HIS A 32 -12.37 -24.99 -14.92
C HIS A 32 -11.62 -24.09 -13.95
N VAL A 33 -11.33 -22.88 -14.42
CA VAL A 33 -10.61 -21.90 -13.62
C VAL A 33 -11.48 -20.67 -13.39
N ASN A 34 -11.66 -20.32 -12.12
CA ASN A 34 -12.39 -19.10 -11.77
C ASN A 34 -11.41 -18.02 -11.32
N ILE A 35 -11.36 -16.91 -12.05
CA ILE A 35 -10.41 -15.83 -11.75
C ILE A 35 -10.98 -14.90 -10.68
N ILE A 36 -10.24 -14.74 -9.58
CA ILE A 36 -10.62 -13.81 -8.51
C ILE A 36 -9.66 -12.63 -8.52
N THR A 37 -10.17 -11.43 -8.82
CA THR A 37 -9.29 -10.27 -8.95
C THR A 37 -9.15 -9.52 -7.64
N PHE A 38 -7.99 -8.91 -7.43
CA PHE A 38 -7.71 -8.11 -6.26
C PHE A 38 -7.14 -6.76 -6.70
N SER A 39 -7.03 -5.82 -5.78
CA SER A 39 -6.60 -4.46 -6.13
C SER A 39 -5.47 -3.96 -5.23
N ASP A 40 -4.78 -4.89 -4.59
CA ASP A 40 -3.60 -4.53 -3.79
C ASP A 40 -2.67 -5.74 -3.76
N TYR A 41 -1.39 -5.50 -4.05
CA TYR A 41 -0.36 -6.54 -3.99
C TYR A 41 -0.43 -7.32 -2.66
N ASN A 42 -0.79 -6.63 -1.58
CA ASN A 42 -0.69 -7.25 -0.25
C ASN A 42 -1.81 -8.22 0.10
N THR A 43 -2.73 -8.45 -0.84
CA THR A 43 -3.92 -9.25 -0.53
C THR A 43 -3.99 -10.70 -1.07
N PRO A 44 -3.59 -10.93 -2.34
CA PRO A 44 -3.74 -12.30 -2.86
C PRO A 44 -3.07 -13.42 -2.04
N ASN A 45 -1.98 -13.14 -1.34
CA ASN A 45 -1.36 -14.17 -0.49
C ASN A 45 -2.19 -14.45 0.77
N GLU A 46 -2.88 -13.44 1.29
N GLU A 46 -2.88 -13.43 1.26
CA GLU A 46 -3.78 -13.67 2.40
CA GLU A 46 -3.80 -13.56 2.37
C GLU A 46 -4.95 -14.53 1.91
C GLU A 46 -4.96 -14.45 1.93
N ALA A 47 -5.45 -14.22 0.71
CA ALA A 47 -6.54 -14.99 0.13
C ALA A 47 -6.15 -16.44 -0.12
N LEU A 48 -4.89 -16.67 -0.50
CA LEU A 48 -4.39 -18.02 -0.71
C LEU A 48 -4.23 -18.73 0.63
N ALA A 49 -3.67 -18.03 1.61
CA ALA A 49 -3.46 -18.61 2.93
C ALA A 49 -4.78 -18.98 3.62
N ASP A 50 -5.81 -18.16 3.44
CA ASP A 50 -7.08 -18.40 4.12
C ASP A 50 -8.06 -19.28 3.33
N GLY A 51 -7.67 -19.70 2.14
CA GLY A 51 -8.45 -20.65 1.36
C GLY A 51 -9.42 -20.02 0.38
N SER A 52 -9.44 -18.68 0.33
CA SER A 52 -10.31 -17.95 -0.59
C SER A 52 -10.00 -18.21 -2.07
N VAL A 53 -8.72 -18.42 -2.37
CA VAL A 53 -8.30 -18.86 -3.69
C VAL A 53 -7.38 -20.07 -3.51
N ASP A 54 -7.15 -20.80 -4.60
CA ASP A 54 -6.32 -22.01 -4.56
C ASP A 54 -4.93 -21.77 -5.13
N ALA A 55 -4.78 -20.67 -5.85
CA ALA A 55 -3.49 -20.24 -6.37
C ALA A 55 -3.57 -18.76 -6.61
N ASN A 56 -2.42 -18.12 -6.80
CA ASN A 56 -2.41 -16.76 -7.28
C ASN A 56 -1.27 -16.55 -8.27
N PHE A 58 0.63 -13.13 -9.41
CA PHE A 58 0.73 -11.67 -9.36
C PHE A 58 2.09 -11.15 -8.89
N GLN A 59 2.94 -12.03 -8.37
CA GLN A 59 4.14 -11.59 -7.66
C GLN A 59 5.42 -12.28 -8.12
N HIS A 60 6.55 -11.66 -7.80
CA HIS A 60 7.84 -12.33 -7.95
C HIS A 60 8.30 -12.97 -6.62
N LEU A 61 9.37 -13.75 -6.69
N LEU A 61 9.36 -13.78 -6.68
CA LEU A 61 9.85 -14.49 -5.54
CA LEU A 61 9.83 -14.48 -5.49
C LEU A 61 10.31 -13.60 -4.36
C LEU A 61 10.26 -13.55 -4.34
N PRO A 62 11.04 -12.50 -4.66
CA PRO A 62 11.43 -11.61 -3.55
C PRO A 62 10.21 -11.02 -2.82
N TYR A 63 9.16 -10.67 -3.54
CA TYR A 63 7.94 -10.21 -2.88
C TYR A 63 7.34 -11.32 -2.01
N LEU A 64 7.29 -12.53 -2.53
CA LEU A 64 6.74 -13.66 -1.78
C LEU A 64 7.54 -13.92 -0.51
N LYS A 65 8.85 -13.97 -0.64
CA LYS A 65 9.73 -14.18 0.51
C LYS A 65 9.54 -13.08 1.54
N ALA A 66 9.42 -11.84 1.07
CA ALA A 66 9.24 -10.72 1.99
C ALA A 66 7.92 -10.81 2.77
N GLN A 67 6.82 -11.10 2.07
CA GLN A 67 5.54 -11.21 2.76
C GLN A 67 5.44 -12.45 3.66
N ILE A 68 6.13 -13.52 3.29
CA ILE A 68 6.21 -14.70 4.17
C ILE A 68 6.94 -14.34 5.47
N GLU A 69 8.01 -13.56 5.35
CA GLU A 69 8.74 -13.14 6.54
C GLU A 69 7.86 -12.27 7.45
N ARG A 71 4.37 -12.21 7.50
CA ARG A 71 3.08 -12.79 7.86
C ARG A 71 3.13 -14.29 8.23
N GLY A 72 4.16 -15.00 7.78
CA GLY A 72 4.32 -16.39 8.14
C GLY A 72 3.52 -17.37 7.30
N TYR A 73 3.04 -16.92 6.14
CA TYR A 73 2.27 -17.77 5.24
C TYR A 73 3.06 -19.00 4.81
N LYS A 74 2.38 -20.14 4.74
CA LYS A 74 2.98 -21.34 4.18
C LYS A 74 2.58 -21.47 2.71
N ILE A 75 3.32 -20.76 1.86
CA ILE A 75 3.04 -20.66 0.44
C ILE A 75 4.31 -20.89 -0.32
N VAL A 76 4.22 -21.54 -1.49
CA VAL A 76 5.39 -21.81 -2.30
C VAL A 76 5.09 -21.55 -3.77
N SER A 77 6.14 -21.27 -4.54
CA SER A 77 6.01 -21.14 -5.99
C SER A 77 6.02 -22.51 -6.63
N ILE A 78 5.15 -22.72 -7.63
CA ILE A 78 5.20 -23.95 -8.41
C ILE A 78 5.62 -23.71 -9.87
N GLY A 79 6.10 -22.51 -10.17
CA GLY A 79 6.58 -22.22 -11.51
C GLY A 79 6.55 -20.75 -11.88
N LYS A 80 7.39 -20.39 -12.84
CA LYS A 80 7.50 -19.01 -13.31
C LYS A 80 6.58 -18.76 -14.50
N THR A 81 6.15 -17.51 -14.66
CA THR A 81 5.29 -17.15 -15.78
C THR A 81 6.02 -16.23 -16.74
N PHE A 82 6.13 -14.96 -16.37
CA PHE A 82 6.87 -14.01 -17.17
C PHE A 82 7.65 -13.08 -16.26
N VAL A 83 8.73 -12.53 -16.79
N VAL A 83 8.74 -12.53 -16.77
CA VAL A 83 9.41 -11.39 -16.18
CA VAL A 83 9.38 -11.41 -16.10
C VAL A 83 8.82 -10.15 -16.82
C VAL A 83 8.95 -10.13 -16.81
N TYR A 84 8.68 -9.08 -16.04
CA TYR A 84 8.19 -7.82 -16.59
C TYR A 84 9.18 -6.71 -16.24
N PRO A 85 10.22 -6.53 -17.07
CA PRO A 85 11.28 -5.57 -16.74
C PRO A 85 10.73 -4.21 -16.37
N GLY A 87 10.35 -0.28 -15.64
CA GLY A 87 10.82 0.92 -16.30
C GLY A 87 10.86 2.13 -15.39
N LEU A 88 11.66 3.13 -15.79
CA LEU A 88 11.65 4.44 -15.14
C LEU A 88 10.93 5.39 -16.08
N TYR A 89 9.95 6.12 -15.55
CA TYR A 89 9.08 6.96 -16.38
C TYR A 89 9.06 8.39 -15.89
N SER A 90 8.74 9.31 -16.79
CA SER A 90 8.61 10.71 -16.43
C SER A 90 7.69 11.44 -17.39
N LYS A 91 7.04 12.48 -16.89
CA LYS A 91 6.30 13.41 -17.73
C LYS A 91 6.98 14.77 -17.70
N LYS A 92 8.20 14.81 -17.17
CA LYS A 92 8.93 16.08 -17.05
C LYS A 92 10.28 16.08 -17.79
N ILE A 93 10.85 14.89 -18.00
CA ILE A 93 12.11 14.77 -18.73
C ILE A 93 12.07 13.66 -19.78
N THR A 94 12.85 13.82 -20.85
CA THR A 94 12.95 12.79 -21.89
C THR A 94 14.28 12.05 -21.79
N ALA A 95 15.22 12.61 -21.04
CA ALA A 95 16.51 11.97 -20.85
C ALA A 95 16.95 12.09 -19.39
N LEU A 96 17.63 11.06 -18.90
CA LEU A 96 17.99 11.01 -17.49
C LEU A 96 18.94 12.14 -17.07
N THR A 97 19.79 12.58 -18.00
CA THR A 97 20.73 13.66 -17.69
C THR A 97 20.03 14.98 -17.37
N GLN A 98 18.77 15.10 -17.79
CA GLN A 98 18.01 16.33 -17.54
C GLN A 98 17.66 16.55 -16.07
N LEU A 99 17.82 15.52 -15.23
CA LEU A 99 17.48 15.65 -13.82
C LEU A 99 18.23 16.79 -13.15
N LYS A 100 17.50 17.66 -12.48
CA LYS A 100 18.12 18.74 -11.73
C LYS A 100 18.52 18.28 -10.34
N THR A 101 19.38 19.04 -9.69
CA THR A 101 19.77 18.77 -8.32
C THR A 101 18.55 18.80 -7.42
N GLY A 102 18.40 17.79 -6.57
CA GLY A 102 17.28 17.72 -5.65
C GLY A 102 15.97 17.28 -6.28
N ALA A 103 16.05 16.71 -7.48
CA ALA A 103 14.86 16.21 -8.16
C ALA A 103 14.22 15.09 -7.34
N LYS A 104 12.90 14.95 -7.44
CA LYS A 104 12.17 13.92 -6.72
C LYS A 104 11.98 12.67 -7.57
N ILE A 105 12.36 11.52 -7.01
CA ILE A 105 12.21 10.24 -7.68
C ILE A 105 11.29 9.36 -6.85
N ALA A 106 10.17 8.93 -7.44
CA ALA A 106 9.23 8.08 -6.72
C ALA A 106 9.56 6.61 -6.94
N VAL A 107 9.47 5.82 -5.88
CA VAL A 107 9.69 4.38 -5.94
C VAL A 107 8.60 3.68 -5.12
N PRO A 108 8.34 2.39 -5.41
CA PRO A 108 7.38 1.62 -4.59
C PRO A 108 7.84 1.58 -3.14
N SER A 109 6.90 1.46 -2.20
CA SER A 109 7.20 1.52 -0.76
C SER A 109 7.27 0.16 -0.09
N ASP A 110 6.82 -0.90 -0.75
CA ASP A 110 6.96 -2.25 -0.21
C ASP A 110 8.43 -2.68 -0.35
N PRO A 111 8.93 -3.45 0.63
CA PRO A 111 10.36 -3.75 0.75
C PRO A 111 11.04 -4.24 -0.53
N SER A 112 10.48 -5.27 -1.18
CA SER A 112 11.16 -5.89 -2.31
C SER A 112 11.16 -5.04 -3.57
N ASN A 113 10.03 -4.41 -3.87
CA ASN A 113 9.99 -3.55 -5.05
C ASN A 113 10.69 -2.22 -4.85
N GLU A 114 10.83 -1.80 -3.59
CA GLU A 114 11.60 -0.60 -3.29
C GLU A 114 13.07 -0.89 -3.53
N ALA A 115 13.55 -2.01 -3.01
CA ALA A 115 14.93 -2.43 -3.25
C ALA A 115 15.18 -2.56 -4.75
N ARG A 116 14.20 -3.12 -5.44
CA ARG A 116 14.27 -3.32 -6.88
C ARG A 116 14.44 -1.99 -7.62
N ALA A 117 13.64 -1.01 -7.22
CA ALA A 117 13.67 0.31 -7.86
C ALA A 117 14.99 1.02 -7.59
N LEU A 118 15.53 0.84 -6.38
CA LEU A 118 16.81 1.45 -6.05
C LEU A 118 17.94 0.84 -6.89
N LEU A 119 17.85 -0.46 -7.12
CA LEU A 119 18.81 -1.14 -7.98
C LEU A 119 18.74 -0.61 -9.40
N LEU A 120 17.53 -0.29 -9.86
CA LEU A 120 17.33 0.26 -11.19
C LEU A 120 17.88 1.69 -11.30
N LEU A 121 17.72 2.47 -10.22
CA LEU A 121 18.27 3.83 -10.20
C LEU A 121 19.80 3.77 -10.25
N GLU A 122 20.36 2.70 -9.68
CA GLU A 122 21.80 2.50 -9.71
C GLU A 122 22.25 2.10 -11.11
N LYS A 123 21.46 1.24 -11.76
CA LYS A 123 21.72 0.87 -13.15
C LYS A 123 21.69 2.13 -14.00
N ALA A 124 20.78 3.03 -13.67
CA ALA A 124 20.66 4.31 -14.37
C ALA A 124 21.82 5.27 -14.06
N GLN A 125 22.75 4.83 -13.23
CA GLN A 125 23.90 5.63 -12.85
C GLN A 125 23.50 6.92 -12.11
N LEU A 126 22.38 6.87 -11.42
CA LEU A 126 21.89 8.02 -10.66
C LEU A 126 22.38 7.98 -9.21
N ILE A 127 22.52 6.77 -8.68
CA ILE A 127 23.00 6.58 -7.33
C ILE A 127 23.91 5.37 -7.28
N GLN A 128 24.60 5.19 -6.17
CA GLN A 128 25.33 3.98 -5.90
C GLN A 128 24.90 3.47 -4.53
N LEU A 129 24.68 2.16 -4.44
CA LEU A 129 24.30 1.55 -3.19
C LEU A 129 25.54 1.01 -2.50
N LYS A 130 25.50 0.94 -1.17
CA LYS A 130 26.61 0.38 -0.40
C LYS A 130 26.97 -0.98 -0.97
N THR A 131 28.26 -1.28 -1.00
CA THR A 131 28.77 -2.49 -1.63
C THR A 131 28.09 -3.76 -1.11
N HIS A 132 28.12 -4.81 -1.93
CA HIS A 132 27.48 -6.09 -1.64
C HIS A 132 26.02 -6.10 -2.07
N ILE A 135 18.88 -6.65 -2.95
CA ILE A 135 17.60 -7.33 -2.86
C ILE A 135 16.79 -6.87 -1.64
N ASN A 136 17.48 -6.33 -0.65
CA ASN A 136 16.82 -5.74 0.52
C ASN A 136 17.21 -4.27 0.73
N ALA A 137 17.69 -3.63 -0.32
CA ALA A 137 18.18 -2.25 -0.20
C ALA A 137 17.11 -1.24 0.20
N THR A 138 17.51 -0.27 1.01
CA THR A 138 16.69 0.87 1.41
C THR A 138 17.46 2.13 1.05
N PRO A 139 16.81 3.30 1.10
CA PRO A 139 17.55 4.54 0.82
C PRO A 139 18.73 4.76 1.77
N ASP A 141 20.83 2.75 2.27
CA ASP A 141 21.93 2.03 1.65
C ASP A 141 22.50 2.79 0.47
N ILE A 142 22.01 4.01 0.25
CA ILE A 142 22.56 4.84 -0.80
C ILE A 142 23.87 5.44 -0.33
N ALA A 143 24.97 5.06 -0.97
CA ALA A 143 26.29 5.52 -0.57
C ALA A 143 26.71 6.76 -1.34
N SER A 144 26.20 6.90 -2.56
CA SER A 144 26.51 8.04 -3.40
C SER A 144 25.26 8.59 -4.08
N ASN A 145 25.02 9.89 -3.91
CA ASN A 145 23.87 10.55 -4.51
C ASN A 145 24.26 11.96 -5.00
N PRO A 146 25.05 12.02 -6.07
CA PRO A 146 25.64 13.25 -6.63
C PRO A 146 24.65 14.41 -6.78
N LYS A 147 23.50 14.16 -7.40
CA LYS A 147 22.52 15.23 -7.61
C LYS A 147 21.60 15.39 -6.42
N LYS A 148 21.90 14.71 -5.32
CA LYS A 148 21.11 14.85 -4.10
C LYS A 148 19.63 14.62 -4.39
N LEU A 149 19.35 13.57 -5.15
CA LEU A 149 18.00 13.25 -5.55
C LEU A 149 17.17 12.88 -4.32
N LYS A 150 15.91 13.29 -4.31
CA LYS A 150 15.03 12.99 -3.19
C LYS A 150 14.15 11.79 -3.51
N ILE A 151 14.26 10.75 -2.68
CA ILE A 151 13.49 9.52 -2.89
C ILE A 151 12.12 9.61 -2.22
N VAL A 152 11.07 9.44 -3.01
CA VAL A 152 9.70 9.48 -2.53
C VAL A 152 9.11 8.08 -2.55
N GLU A 153 8.72 7.57 -1.39
CA GLU A 153 8.21 6.20 -1.29
C GLU A 153 6.68 6.16 -1.31
N LEU A 154 6.13 5.62 -2.41
CA LEU A 154 4.68 5.52 -2.60
C LEU A 154 4.23 4.07 -2.78
N ASP A 155 3.00 3.79 -2.39
CA ASP A 155 2.40 2.49 -2.70
C ASP A 155 2.41 2.27 -4.21
N ALA A 156 2.71 1.05 -4.62
CA ALA A 156 2.88 0.73 -6.04
C ALA A 156 1.73 1.19 -6.93
N ALA A 157 0.51 1.11 -6.40
CA ALA A 157 -0.69 1.45 -7.17
C ALA A 157 -0.90 2.96 -7.29
N GLN A 158 -0.05 3.74 -6.63
CA GLN A 158 -0.15 5.19 -6.65
C GLN A 158 0.88 5.83 -7.58
N LEU A 159 1.90 5.05 -7.95
CA LEU A 159 3.04 5.61 -8.68
C LEU A 159 2.67 6.22 -10.03
N SER A 160 1.73 5.60 -10.73
CA SER A 160 1.39 6.08 -12.07
C SER A 160 0.71 7.45 -12.07
N ARG A 161 0.14 7.85 -10.93
N ARG A 161 0.15 7.83 -10.92
CA ARG A 161 -0.52 9.15 -10.86
CA ARG A 161 -0.54 9.11 -10.79
C ARG A 161 0.38 10.21 -10.24
C ARG A 161 0.35 10.17 -10.16
N SER A 162 1.61 9.83 -9.93
CA SER A 162 2.54 10.72 -9.27
C SER A 162 3.35 11.59 -10.25
N LEU A 163 3.26 11.25 -11.53
CA LEU A 163 4.14 11.85 -12.54
C LEU A 163 3.96 13.34 -12.74
N GLY A 164 2.90 13.91 -12.16
CA GLY A 164 2.72 15.35 -12.19
C GLY A 164 3.47 16.01 -11.06
N ASP A 165 3.89 15.22 -10.08
CA ASP A 165 4.48 15.75 -8.86
C ASP A 165 5.94 15.32 -8.65
N VAL A 166 6.41 14.37 -9.44
CA VAL A 166 7.81 13.95 -9.33
C VAL A 166 8.48 14.04 -10.68
N ASP A 167 9.80 13.99 -10.69
CA ASP A 167 10.55 14.13 -11.93
C ASP A 167 10.78 12.81 -12.62
N LEU A 168 10.66 11.71 -11.87
CA LEU A 168 10.95 10.38 -12.37
C LEU A 168 10.31 9.36 -11.43
N ALA A 169 9.79 8.27 -11.98
CA ALA A 169 9.20 7.22 -11.14
C ALA A 169 9.53 5.84 -11.67
N ALA A 170 9.88 4.94 -10.75
CA ALA A 170 10.01 3.52 -11.08
C ALA A 170 8.64 2.89 -10.87
N ILE A 171 8.07 2.33 -11.93
CA ILE A 171 6.70 1.82 -11.89
C ILE A 171 6.61 0.38 -12.36
N ASN A 172 5.93 -0.48 -11.60
CA ASN A 172 5.71 -1.85 -12.04
C ASN A 172 4.88 -1.85 -13.31
N THR A 173 5.25 -2.70 -14.25
CA THR A 173 4.57 -2.75 -15.54
C THR A 173 3.05 -2.95 -15.44
N ASN A 174 2.58 -3.78 -14.50
CA ASN A 174 1.13 -3.99 -14.40
C ASN A 174 0.39 -2.69 -14.08
N TYR A 175 1.08 -1.73 -13.47
CA TYR A 175 0.46 -0.44 -13.16
C TYR A 175 0.74 0.62 -14.23
N ALA A 176 1.90 0.53 -14.88
CA ALA A 176 2.25 1.46 -15.95
C ALA A 176 1.30 1.34 -17.13
N ILE A 177 0.99 0.11 -17.53
CA ILE A 177 0.20 -0.09 -18.75
C ILE A 177 -1.19 0.52 -18.70
N PRO A 178 -1.95 0.26 -17.62
CA PRO A 178 -3.28 0.89 -17.53
C PRO A 178 -3.18 2.42 -17.50
N ALA A 179 -2.02 2.96 -17.17
CA ALA A 179 -1.87 4.41 -17.10
C ALA A 179 -1.47 5.00 -18.46
N GLY A 180 -1.46 4.16 -19.49
CA GLY A 180 -1.08 4.61 -20.82
C GLY A 180 0.43 4.67 -21.02
N LEU A 181 1.18 4.07 -20.10
CA LEU A 181 2.64 4.07 -20.19
C LEU A 181 3.16 2.71 -20.67
N SER A 182 3.94 2.74 -21.74
CA SER A 182 4.54 1.52 -22.28
C SER A 182 6.02 1.43 -21.90
N PRO A 183 6.43 0.29 -21.32
CA PRO A 183 7.83 0.03 -20.97
C PRO A 183 8.75 0.16 -22.18
N SER A 184 8.32 -0.35 -23.33
CA SER A 184 9.12 -0.29 -24.55
C SER A 184 9.16 1.11 -25.16
N ARG A 185 8.03 1.81 -25.10
CA ARG A 185 7.90 3.09 -25.79
C ARG A 185 8.20 4.30 -24.90
N ASP A 186 7.81 4.23 -23.64
CA ASP A 186 7.82 5.41 -22.79
C ASP A 186 8.93 5.46 -21.73
N ALA A 187 9.43 4.29 -21.32
CA ALA A 187 10.45 4.24 -20.29
C ALA A 187 11.78 4.85 -20.75
N LEU A 188 12.39 5.65 -19.90
CA LEU A 188 13.71 6.20 -20.19
C LEU A 188 14.76 5.11 -20.09
N LEU A 189 14.42 4.07 -19.33
CA LEU A 189 15.32 2.95 -19.06
C LEU A 189 14.53 1.82 -18.41
N THR A 190 14.87 0.57 -18.72
CA THR A 190 14.27 -0.57 -18.04
C THR A 190 15.32 -1.56 -17.56
N GLU A 191 14.94 -2.41 -16.62
CA GLU A 191 15.80 -3.52 -16.19
C GLU A 191 16.13 -4.40 -17.37
N GLY A 192 17.16 -5.23 -17.21
CA GLY A 192 17.43 -6.29 -18.16
C GLY A 192 16.49 -7.45 -17.92
N PRO A 193 16.48 -8.43 -18.85
CA PRO A 193 15.56 -9.57 -18.79
C PRO A 193 15.97 -10.64 -17.78
N ASN A 194 17.23 -10.63 -17.36
CA ASN A 194 17.74 -11.69 -16.49
C ASN A 194 17.79 -11.29 -15.02
N SER A 195 16.68 -10.80 -14.50
CA SER A 195 16.60 -10.34 -13.12
C SER A 195 16.01 -11.43 -12.24
N PRO A 196 16.03 -11.23 -10.92
CA PRO A 196 15.36 -12.17 -10.02
C PRO A 196 13.85 -11.95 -9.93
N TYR A 197 13.26 -11.17 -10.85
CA TYR A 197 11.87 -10.74 -10.70
C TYR A 197 10.84 -11.39 -11.62
N ALA A 198 11.11 -12.61 -12.08
CA ALA A 198 10.11 -13.37 -12.82
C ALA A 198 8.91 -13.57 -11.90
N ASN A 199 7.70 -13.43 -12.44
CA ASN A 199 6.51 -13.69 -11.65
C ASN A 199 6.24 -15.18 -11.56
N VAL A 200 5.47 -15.57 -10.56
CA VAL A 200 5.28 -16.99 -10.28
C VAL A 200 3.82 -17.32 -9.99
N VAL A 201 3.51 -18.60 -10.10
CA VAL A 201 2.26 -19.10 -9.58
C VAL A 201 2.53 -19.64 -8.19
N ALA A 202 1.83 -19.11 -7.20
CA ALA A 202 2.02 -19.52 -5.82
C ALA A 202 0.80 -20.32 -5.36
N VAL A 203 1.05 -21.34 -4.55
CA VAL A 203 -0.02 -22.17 -3.98
C VAL A 203 0.31 -22.46 -2.52
N ARG A 204 -0.66 -22.98 -1.78
CA ARG A 204 -0.40 -23.41 -0.42
C ARG A 204 0.59 -24.56 -0.40
N GLU A 205 1.48 -24.56 0.58
CA GLU A 205 2.49 -25.60 0.73
C GLU A 205 1.91 -27.00 0.59
N ASP A 206 0.76 -27.25 1.22
CA ASP A 206 0.14 -28.57 1.17
C ASP A 206 -0.35 -28.95 -0.22
N ASP A 207 -0.49 -27.97 -1.11
CA ASP A 207 -1.01 -28.23 -2.45
C ASP A 207 0.05 -28.21 -3.55
N LYS A 208 1.33 -28.22 -3.17
CA LYS A 208 2.39 -28.04 -4.17
C LYS A 208 2.42 -29.12 -5.25
N ASN A 209 1.88 -30.30 -4.95
CA ASN A 209 1.87 -31.40 -5.91
C ASN A 209 0.51 -31.61 -6.59
N ASP A 210 -0.38 -30.65 -6.44
CA ASP A 210 -1.72 -30.77 -7.01
C ASP A 210 -1.64 -30.65 -8.54
N PRO A 211 -2.05 -31.71 -9.26
CA PRO A 211 -1.88 -31.72 -10.72
C PRO A 211 -2.68 -30.61 -11.41
N ARG A 212 -3.84 -30.25 -10.86
CA ARG A 212 -4.64 -29.20 -11.48
C ARG A 212 -3.96 -27.83 -11.37
N LEU A 213 -3.31 -27.58 -10.25
CA LEU A 213 -2.55 -26.33 -10.08
C LEU A 213 -1.30 -26.32 -10.98
N LYS A 214 -0.64 -27.47 -11.11
CA LYS A 214 0.49 -27.59 -12.04
C LYS A 214 0.03 -27.36 -13.48
N GLN A 215 -1.17 -27.80 -13.81
CA GLN A 215 -1.73 -27.58 -15.14
C GLN A 215 -1.95 -26.11 -15.46
N LEU A 216 -2.26 -25.31 -14.44
N LEU A 216 -2.24 -25.31 -14.43
CA LEU A 216 -2.36 -23.86 -14.61
CA LEU A 216 -2.38 -23.87 -14.61
C LEU A 216 -1.04 -23.33 -15.14
C LEU A 216 -1.06 -23.26 -15.06
N VAL A 217 0.05 -23.72 -14.48
CA VAL A 217 1.38 -23.27 -14.88
C VAL A 217 1.64 -23.63 -16.33
N SER A 218 1.32 -24.88 -16.70
CA SER A 218 1.49 -25.30 -18.08
C SER A 218 0.68 -24.46 -19.06
N ALA A 219 -0.58 -24.18 -18.73
CA ALA A 219 -1.43 -23.34 -19.57
C ALA A 219 -0.84 -21.95 -19.77
N LEU A 220 -0.26 -21.39 -18.72
CA LEU A 220 0.37 -20.08 -18.77
C LEU A 220 1.63 -20.06 -19.65
N HIS A 221 2.12 -21.23 -20.01
CA HIS A 221 3.24 -21.35 -20.96
C HIS A 221 2.78 -21.78 -22.35
N SER A 222 1.47 -21.86 -22.55
CA SER A 222 0.95 -22.30 -23.85
C SER A 222 1.24 -21.30 -24.95
N PRO A 223 1.25 -21.77 -26.21
CA PRO A 223 1.40 -20.86 -27.35
C PRO A 223 0.38 -19.72 -27.30
N ALA A 224 -0.89 -20.04 -27.01
CA ALA A 224 -1.93 -19.01 -26.99
C ALA A 224 -1.68 -17.93 -25.93
N VAL A 225 -1.22 -18.34 -24.75
CA VAL A 225 -0.92 -17.36 -23.70
C VAL A 225 0.30 -16.53 -24.06
N LEU A 226 1.31 -17.16 -24.66
CA LEU A 226 2.49 -16.42 -25.11
C LEU A 226 2.10 -15.40 -26.18
N SER A 227 1.24 -15.82 -27.10
CA SER A 227 0.76 -14.94 -28.15
C SER A 227 -0.02 -13.76 -27.56
N ALA A 228 -0.85 -14.03 -26.57
CA ALA A 228 -1.61 -12.98 -25.89
C ALA A 228 -0.70 -12.04 -25.11
N ALA A 229 0.33 -12.58 -24.47
CA ALA A 229 1.28 -11.75 -23.75
C ALA A 229 1.89 -10.72 -24.70
N LYS A 230 2.26 -11.16 -25.89
CA LYS A 230 2.79 -10.27 -26.91
C LYS A 230 1.83 -9.12 -27.22
N LYS A 231 0.54 -9.42 -27.34
CA LYS A 231 -0.44 -8.39 -27.67
C LYS A 231 -0.66 -7.42 -26.50
N ILE A 232 -0.64 -7.96 -25.28
CA ILE A 232 -0.93 -7.16 -24.09
C ILE A 232 0.30 -6.37 -23.61
N PHE A 233 1.47 -7.02 -23.63
CA PHE A 233 2.67 -6.45 -23.02
C PHE A 233 3.79 -6.12 -24.02
N GLY A 234 3.67 -6.61 -25.25
CA GLY A 234 4.75 -6.49 -26.21
C GLY A 234 6.04 -7.01 -25.62
N ASP A 235 7.15 -6.31 -25.87
CA ASP A 235 8.45 -6.70 -25.33
C ASP A 235 8.52 -6.53 -23.82
N GLY A 236 7.45 -6.03 -23.22
CA GLY A 236 7.42 -5.78 -21.79
C GLY A 236 7.20 -7.02 -20.95
N ALA A 237 6.90 -8.13 -21.62
CA ALA A 237 6.78 -9.42 -20.96
C ALA A 237 7.71 -10.44 -21.61
N ILE A 238 8.52 -11.10 -20.79
CA ILE A 238 9.44 -12.10 -21.27
C ILE A 238 9.13 -13.44 -20.61
N PRO A 239 8.82 -14.46 -21.42
CA PRO A 239 8.53 -15.80 -20.92
C PRO A 239 9.64 -16.25 -19.97
N ALA A 240 9.27 -16.83 -18.83
CA ALA A 240 10.24 -17.21 -17.82
C ALA A 240 10.07 -18.67 -17.40
N VAL B 5 15.65 17.93 16.58
CA VAL B 5 14.83 16.73 16.60
C VAL B 5 14.03 16.55 15.30
N ARG B 6 14.15 15.39 14.68
CA ARG B 6 13.44 15.10 13.43
C ARG B 6 12.18 14.29 13.71
N VAL B 7 11.06 14.75 13.20
N VAL B 7 11.04 14.76 13.25
CA VAL B 7 9.77 14.10 13.43
CA VAL B 7 9.79 14.04 13.45
C VAL B 7 9.08 13.75 12.11
C VAL B 7 9.11 13.74 12.13
N GLY B 8 8.75 12.48 11.92
CA GLY B 8 8.10 12.07 10.70
C GLY B 8 6.60 12.19 10.80
N THR B 9 5.98 12.74 9.77
CA THR B 9 4.53 12.82 9.66
C THR B 9 4.07 12.42 8.26
N ILE B 10 2.77 12.24 8.09
CA ILE B 10 2.21 12.02 6.76
C ILE B 10 1.78 13.37 6.20
N ALA B 11 2.20 13.67 4.98
CA ALA B 11 1.87 14.95 4.35
C ALA B 11 0.36 15.12 4.34
N GLY B 12 -0.11 16.33 4.65
CA GLY B 12 -1.54 16.57 4.78
C GLY B 12 -1.84 17.32 6.06
N PRO B 13 -3.09 17.26 6.51
CA PRO B 13 -3.57 18.05 7.65
C PRO B 13 -2.86 17.72 8.98
N GLU B 14 -2.36 16.50 9.16
CA GLU B 14 -1.61 16.17 10.37
C GLU B 14 -0.23 16.85 10.37
N THR B 15 0.27 17.14 9.18
CA THR B 15 1.51 17.89 9.07
C THR B 15 1.28 19.35 9.46
N GLN B 16 0.13 19.90 9.06
CA GLN B 16 -0.27 21.25 9.53
C GLN B 16 -0.36 21.29 11.06
N LEU B 17 -0.93 20.25 11.66
CA LEU B 17 -1.04 20.17 13.10
C LEU B 17 0.36 20.16 13.71
N GLU B 19 2.99 21.44 12.44
CA GLU B 19 3.61 22.76 12.26
C GLU B 19 3.31 23.64 13.46
N VAL B 20 2.09 23.58 13.96
CA VAL B 20 1.72 24.37 15.12
C VAL B 20 2.47 23.85 16.35
N ALA B 21 2.55 22.54 16.49
CA ALA B 21 3.30 21.96 17.60
C ALA B 21 4.79 22.34 17.54
N LYS B 22 5.31 22.43 16.33
CA LYS B 22 6.70 22.86 16.10
C LYS B 22 6.93 24.26 16.66
N GLN B 23 5.94 25.13 16.47
CA GLN B 23 6.04 26.49 16.96
C GLN B 23 5.99 26.54 18.48
N VAL B 24 5.08 25.78 19.07
CA VAL B 24 5.01 25.67 20.52
C VAL B 24 6.33 25.14 21.08
N ALA B 25 6.89 24.12 20.43
CA ALA B 25 8.14 23.54 20.91
C ALA B 25 9.25 24.58 20.99
N LEU B 26 9.38 25.41 19.95
CA LEU B 26 10.40 26.45 19.96
C LEU B 26 10.09 27.53 20.98
N ASN B 27 8.86 28.03 20.96
CA ASN B 27 8.48 29.15 21.84
C ASN B 27 8.49 28.82 23.32
N ARG B 28 8.05 27.61 23.65
CA ARG B 28 7.85 27.25 25.04
C ARG B 28 8.98 26.42 25.64
N TYR B 29 9.70 25.67 24.81
CA TYR B 29 10.73 24.74 25.27
C TYR B 29 12.09 25.03 24.65
N GLY B 30 12.16 26.00 23.74
CA GLY B 30 13.40 26.31 23.06
C GLY B 30 13.92 25.14 22.23
N LEU B 31 12.99 24.30 21.78
CA LEU B 31 13.32 23.09 21.04
C LEU B 31 13.07 23.26 19.55
N HIS B 32 14.06 22.93 18.72
CA HIS B 32 13.90 22.97 17.28
C HIS B 32 13.41 21.63 16.77
N VAL B 33 12.27 21.64 16.09
CA VAL B 33 11.70 20.44 15.49
C VAL B 33 11.76 20.55 13.97
N ASN B 34 12.32 19.53 13.33
CA ASN B 34 12.36 19.48 11.87
C ASN B 34 11.35 18.45 11.39
N ILE B 35 10.36 18.89 10.64
CA ILE B 35 9.28 18.01 10.21
C ILE B 35 9.64 17.32 8.90
N ILE B 36 9.65 15.99 8.93
CA ILE B 36 9.95 15.21 7.74
C ILE B 36 8.68 14.50 7.29
N THR B 37 8.18 14.86 6.11
CA THR B 37 6.91 14.32 5.62
C THR B 37 7.08 13.04 4.80
N PHE B 38 6.11 12.14 4.93
CA PHE B 38 6.09 10.89 4.19
C PHE B 38 4.76 10.74 3.44
N SER B 39 4.70 9.82 2.49
CA SER B 39 3.51 9.67 1.66
C SER B 39 2.99 8.24 1.65
N ASP B 40 3.31 7.49 2.70
CA ASP B 40 2.79 6.13 2.86
C ASP B 40 2.91 5.77 4.33
N TYR B 41 1.82 5.23 4.89
CA TYR B 41 1.80 4.78 6.28
C TYR B 41 2.97 3.84 6.60
N ASN B 42 3.36 3.02 5.63
CA ASN B 42 4.32 1.95 5.92
C ASN B 42 5.77 2.42 6.04
N THR B 43 5.99 3.72 5.92
CA THR B 43 7.36 4.22 5.86
C THR B 43 7.90 4.91 7.13
N PRO B 44 7.07 5.72 7.83
CA PRO B 44 7.66 6.43 8.97
C PRO B 44 8.31 5.58 10.07
N ASN B 45 7.77 4.37 10.33
CA ASN B 45 8.39 3.48 11.33
C ASN B 45 9.75 2.95 10.85
N GLU B 46 9.87 2.79 9.53
N GLU B 46 9.90 2.77 9.54
CA GLU B 46 11.12 2.38 8.91
CA GLU B 46 11.20 2.36 9.00
C GLU B 46 12.18 3.48 9.11
C GLU B 46 12.21 3.50 9.15
N ALA B 47 11.77 4.72 8.87
CA ALA B 47 12.65 5.87 9.05
C ALA B 47 13.01 6.07 10.53
N LEU B 48 12.08 5.76 11.43
CA LEU B 48 12.36 5.86 12.85
C LEU B 48 13.33 4.76 13.28
N ALA B 49 13.05 3.53 12.84
CA ALA B 49 13.92 2.40 13.15
C ALA B 49 15.33 2.61 12.64
N ASP B 50 15.47 3.22 11.46
CA ASP B 50 16.81 3.40 10.87
C ASP B 50 17.54 4.69 11.23
N GLY B 51 16.91 5.54 12.05
CA GLY B 51 17.56 6.75 12.52
C GLY B 51 17.34 8.00 11.70
N SER B 52 16.61 7.88 10.59
CA SER B 52 16.28 9.00 9.71
C SER B 52 15.41 10.05 10.39
N VAL B 53 14.54 9.61 11.29
CA VAL B 53 13.81 10.54 12.16
C VAL B 53 13.97 10.07 13.60
N ASP B 54 13.68 10.96 14.54
CA ASP B 54 13.82 10.65 15.95
C ASP B 54 12.48 10.33 16.60
N ALA B 55 11.40 10.66 15.90
CA ALA B 55 10.05 10.38 16.36
C ALA B 55 9.14 10.40 15.17
N ASN B 56 7.95 9.81 15.31
CA ASN B 56 6.90 10.03 14.31
C ASN B 56 5.53 10.19 14.97
N PHE B 58 1.78 9.58 13.37
CA PHE B 58 1.00 9.28 12.18
C PHE B 58 0.10 8.05 12.35
N GLN B 59 0.26 7.32 13.45
CA GLN B 59 -0.40 6.02 13.58
C GLN B 59 -1.10 5.81 14.92
N HIS B 60 -2.03 4.86 14.94
CA HIS B 60 -2.60 4.38 16.20
C HIS B 60 -1.87 3.11 16.67
N LEU B 61 -2.16 2.68 17.90
CA LEU B 61 -1.43 1.55 18.48
C LEU B 61 -1.62 0.23 17.73
N PRO B 62 -2.87 -0.06 17.29
CA PRO B 62 -3.02 -1.29 16.52
C PRO B 62 -2.16 -1.32 15.26
N TYR B 63 -1.99 -0.17 14.60
CA TYR B 63 -1.11 -0.12 13.44
C TYR B 63 0.35 -0.37 13.84
N LEU B 64 0.80 0.33 14.88
CA LEU B 64 2.16 0.15 15.41
C LEU B 64 2.44 -1.32 15.78
N LYS B 65 1.55 -1.91 16.55
CA LYS B 65 1.74 -3.30 16.97
C LYS B 65 1.79 -4.24 15.76
N ALA B 66 0.93 -4.01 14.77
CA ALA B 66 0.92 -4.85 13.58
C ALA B 66 2.23 -4.75 12.79
N GLN B 67 2.79 -3.54 12.67
CA GLN B 67 4.02 -3.40 11.91
C GLN B 67 5.25 -3.90 12.68
N ILE B 68 5.21 -3.80 14.00
CA ILE B 68 6.26 -4.42 14.82
C ILE B 68 6.25 -5.93 14.65
N GLU B 69 5.06 -6.52 14.63
CA GLU B 69 4.94 -7.96 14.43
C GLU B 69 5.44 -8.40 13.04
N ARG B 71 7.71 -6.53 11.06
CA ARG B 71 9.08 -6.07 10.78
C ARG B 71 10.06 -6.16 11.94
N GLY B 72 9.56 -6.28 13.18
CA GLY B 72 10.41 -6.42 14.35
C GLY B 72 10.97 -5.14 14.94
N TYR B 73 10.45 -4.00 14.50
CA TYR B 73 10.93 -2.70 14.98
C TYR B 73 10.91 -2.58 16.50
N LYS B 74 11.99 -2.03 17.06
CA LYS B 74 12.05 -1.75 18.49
C LYS B 74 11.60 -0.31 18.74
N ILE B 75 10.29 -0.11 18.68
N ILE B 75 10.29 -0.09 18.67
CA ILE B 75 9.67 1.20 18.76
CA ILE B 75 9.74 1.25 18.81
C ILE B 75 8.57 1.20 19.81
C ILE B 75 8.55 1.23 19.76
N VAL B 76 8.36 2.32 20.49
CA VAL B 76 7.30 2.42 21.48
C VAL B 76 6.59 3.75 21.43
N SER B 77 5.37 3.77 21.94
CA SER B 77 4.59 4.99 22.09
C SER B 77 4.98 5.72 23.37
N ILE B 78 5.12 7.04 23.30
CA ILE B 78 5.36 7.81 24.52
C ILE B 78 4.23 8.81 24.78
N GLY B 79 3.13 8.67 24.02
CA GLY B 79 1.98 9.52 24.26
C GLY B 79 0.95 9.49 23.15
N LYS B 80 -0.30 9.79 23.52
CA LYS B 80 -1.39 9.86 22.58
C LYS B 80 -1.59 11.31 22.15
N THR B 81 -2.14 11.50 20.95
CA THR B 81 -2.38 12.84 20.44
C THR B 81 -3.87 13.09 20.24
N PHE B 82 -4.41 12.60 19.13
CA PHE B 82 -5.85 12.74 18.86
C PHE B 82 -6.38 11.44 18.29
N VAL B 83 -7.67 11.21 18.49
CA VAL B 83 -8.36 10.16 17.74
C VAL B 83 -9.09 10.84 16.60
N TYR B 84 -9.11 10.20 15.44
CA TYR B 84 -9.81 10.73 14.26
C TYR B 84 -10.86 9.72 13.81
N PRO B 85 -12.08 9.83 14.36
CA PRO B 85 -13.10 8.81 14.08
C PRO B 85 -13.34 8.63 12.58
N GLY B 87 -14.80 7.65 8.93
CA GLY B 87 -16.09 7.75 8.28
C GLY B 87 -16.32 6.77 7.13
N LEU B 88 -17.59 6.54 6.82
CA LEU B 88 -18.00 5.83 5.61
C LEU B 88 -18.50 6.88 4.61
N TYR B 89 -17.95 6.86 3.40
CA TYR B 89 -18.24 7.89 2.41
C TYR B 89 -18.77 7.30 1.11
N SER B 90 -19.54 8.07 0.37
CA SER B 90 -20.01 7.62 -0.94
C SER B 90 -20.29 8.79 -1.87
N LYS B 91 -20.15 8.54 -3.17
CA LYS B 91 -20.56 9.50 -4.18
C LYS B 91 -21.80 8.98 -4.92
N LYS B 92 -22.32 7.86 -4.45
CA LYS B 92 -23.41 7.19 -5.16
C LYS B 92 -24.70 7.11 -4.33
N ILE B 93 -24.56 7.06 -3.01
CA ILE B 93 -25.72 7.00 -2.14
C ILE B 93 -25.66 8.05 -1.04
N THR B 94 -26.81 8.38 -0.46
CA THR B 94 -26.90 9.37 0.60
C THR B 94 -27.31 8.74 1.92
N ALA B 95 -27.70 7.47 1.87
CA ALA B 95 -28.09 6.74 3.08
C ALA B 95 -27.75 5.26 2.92
N LEU B 96 -27.35 4.63 4.02
CA LEU B 96 -26.87 3.26 3.98
C LEU B 96 -27.94 2.28 3.50
N THR B 97 -29.20 2.62 3.72
CA THR B 97 -30.29 1.75 3.30
C THR B 97 -30.38 1.62 1.78
N GLN B 98 -29.79 2.57 1.08
CA GLN B 98 -29.86 2.59 -0.39
C GLN B 98 -28.93 1.58 -1.06
N LEU B 99 -28.03 0.97 -0.29
CA LEU B 99 -27.12 -0.03 -0.83
C LEU B 99 -27.88 -1.18 -1.46
N LYS B 100 -27.47 -1.57 -2.67
CA LYS B 100 -28.11 -2.68 -3.35
C LYS B 100 -27.36 -3.98 -3.11
N THR B 101 -28.04 -5.11 -3.31
CA THR B 101 -27.40 -6.41 -3.18
C THR B 101 -26.14 -6.43 -4.03
N GLY B 102 -25.05 -6.90 -3.44
CA GLY B 102 -23.78 -7.02 -4.15
C GLY B 102 -23.03 -5.71 -4.36
N ALA B 103 -23.43 -4.66 -3.65
CA ALA B 103 -22.72 -3.38 -3.75
C ALA B 103 -21.28 -3.53 -3.30
N LYS B 104 -20.38 -2.73 -3.89
CA LYS B 104 -18.96 -2.80 -3.56
C LYS B 104 -18.63 -1.82 -2.43
N ILE B 105 -17.88 -2.32 -1.44
N ILE B 105 -17.89 -2.31 -1.44
CA ILE B 105 -17.48 -1.54 -0.28
CA ILE B 105 -17.48 -1.49 -0.31
C ILE B 105 -15.96 -1.57 -0.17
C ILE B 105 -15.97 -1.55 -0.12
N ALA B 106 -15.31 -0.42 -0.36
CA ALA B 106 -13.85 -0.35 -0.25
C ALA B 106 -13.38 -0.11 1.17
N VAL B 107 -12.33 -0.85 1.57
CA VAL B 107 -11.73 -0.71 2.89
C VAL B 107 -10.20 -0.70 2.75
N PRO B 108 -9.50 -0.12 3.74
CA PRO B 108 -8.03 -0.16 3.75
C PRO B 108 -7.54 -1.59 3.71
N SER B 109 -6.36 -1.82 3.12
CA SER B 109 -5.83 -3.16 2.94
C SER B 109 -4.77 -3.58 3.98
N ASP B 110 -4.34 -2.63 4.81
CA ASP B 110 -3.38 -2.98 5.87
C ASP B 110 -4.17 -3.64 6.99
N PRO B 111 -3.54 -4.57 7.73
CA PRO B 111 -4.28 -5.40 8.69
C PRO B 111 -5.12 -4.61 9.70
N SER B 112 -4.52 -3.63 10.39
CA SER B 112 -5.23 -2.99 11.49
C SER B 112 -6.38 -2.11 11.01
N ASN B 113 -6.14 -1.32 9.97
CA ASN B 113 -7.19 -0.45 9.45
C ASN B 113 -8.28 -1.20 8.70
N GLU B 114 -7.94 -2.35 8.12
CA GLU B 114 -8.94 -3.19 7.49
C GLU B 114 -9.90 -3.76 8.54
N ALA B 115 -9.35 -4.31 9.61
CA ALA B 115 -10.14 -4.77 10.74
C ALA B 115 -11.02 -3.63 11.26
N ARG B 116 -10.42 -2.46 11.40
CA ARG B 116 -11.11 -1.28 11.88
C ARG B 116 -12.32 -0.94 11.02
N ALA B 117 -12.12 -0.95 9.70
CA ALA B 117 -13.21 -0.66 8.78
C ALA B 117 -14.32 -1.71 8.85
N LEU B 118 -13.94 -2.97 9.03
CA LEU B 118 -14.94 -4.04 9.13
C LEU B 118 -15.79 -3.85 10.38
N LEU B 119 -15.16 -3.45 11.48
CA LEU B 119 -15.88 -3.15 12.71
C LEU B 119 -16.86 -2.00 12.49
N LEU B 120 -16.43 -1.00 11.70
CA LEU B 120 -17.28 0.14 11.38
C LEU B 120 -18.49 -0.30 10.56
N LEU B 121 -18.28 -1.22 9.63
CA LEU B 121 -19.38 -1.75 8.82
C LEU B 121 -20.36 -2.53 9.68
N GLU B 122 -19.85 -3.17 10.74
CA GLU B 122 -20.68 -3.87 11.71
C GLU B 122 -21.48 -2.87 12.55
N LYS B 123 -20.84 -1.76 12.92
N LYS B 123 -20.84 -1.76 12.92
CA LYS B 123 -21.51 -0.68 13.64
CA LYS B 123 -21.51 -0.68 13.64
C LYS B 123 -22.63 -0.11 12.76
C LYS B 123 -22.62 -0.09 12.76
N ALA B 124 -22.41 -0.13 11.45
CA ALA B 124 -23.40 0.37 10.50
C ALA B 124 -24.54 -0.63 10.29
N GLN B 125 -24.46 -1.76 10.98
CA GLN B 125 -25.45 -2.83 10.85
C GLN B 125 -25.47 -3.42 9.43
N LEU B 126 -24.35 -3.33 8.73
CA LEU B 126 -24.27 -3.85 7.37
C LEU B 126 -23.83 -5.32 7.35
N ILE B 127 -22.99 -5.70 8.31
CA ILE B 127 -22.52 -7.07 8.43
C ILE B 127 -22.40 -7.43 9.89
N GLN B 128 -22.11 -8.70 10.15
N GLN B 128 -22.11 -8.69 10.17
CA GLN B 128 -21.81 -9.16 11.50
CA GLN B 128 -21.79 -9.11 11.52
C GLN B 128 -20.53 -9.98 11.45
C GLN B 128 -20.55 -9.99 11.48
N LEU B 129 -19.63 -9.76 12.39
CA LEU B 129 -18.38 -10.50 12.43
C LEU B 129 -18.50 -11.69 13.37
N LYS B 130 -17.81 -12.78 13.02
CA LYS B 130 -17.75 -13.97 13.87
C LYS B 130 -17.39 -13.56 15.29
N THR B 131 -18.04 -14.19 16.26
CA THR B 131 -17.86 -13.84 17.66
C THR B 131 -16.43 -14.05 18.15
N ASN B 136 -8.09 -7.86 14.34
CA ASN B 136 -7.39 -8.61 13.32
C ASN B 136 -8.34 -9.19 12.27
N ALA B 137 -9.61 -8.79 12.35
CA ALA B 137 -10.64 -9.26 11.43
C ALA B 137 -10.30 -9.05 9.96
N THR B 138 -10.68 -10.03 9.13
CA THR B 138 -10.61 -9.91 7.68
C THR B 138 -11.99 -10.30 7.16
N PRO B 139 -12.23 -10.17 5.85
CA PRO B 139 -13.53 -10.53 5.29
C PRO B 139 -13.92 -11.98 5.59
N ASP B 141 -13.87 -13.34 8.37
CA ASP B 141 -14.54 -13.36 9.65
C ASP B 141 -15.94 -12.78 9.58
N ILE B 142 -16.42 -12.52 8.37
CA ILE B 142 -17.78 -12.00 8.20
C ILE B 142 -18.79 -13.13 8.33
N ALA B 143 -19.58 -13.10 9.41
CA ALA B 143 -20.55 -14.14 9.69
C ALA B 143 -21.84 -13.90 8.93
N SER B 144 -22.36 -12.68 9.01
CA SER B 144 -23.60 -12.35 8.34
C SER B 144 -23.41 -11.21 7.34
N ASN B 145 -23.88 -11.45 6.12
CA ASN B 145 -23.78 -10.47 5.04
C ASN B 145 -25.04 -10.50 4.17
N PRO B 146 -26.18 -10.12 4.76
CA PRO B 146 -27.50 -10.15 4.12
C PRO B 146 -27.50 -9.64 2.69
N LYS B 147 -26.89 -8.49 2.43
CA LYS B 147 -26.91 -7.88 1.11
C LYS B 147 -25.79 -8.35 0.19
N LYS B 148 -25.04 -9.36 0.64
CA LYS B 148 -23.97 -9.92 -0.17
C LYS B 148 -23.01 -8.83 -0.66
N LEU B 149 -22.70 -7.88 0.22
CA LEU B 149 -21.80 -6.81 -0.11
C LEU B 149 -20.43 -7.37 -0.45
N LYS B 150 -19.77 -6.77 -1.45
CA LYS B 150 -18.43 -7.19 -1.83
C LYS B 150 -17.39 -6.26 -1.21
N ILE B 151 -16.49 -6.82 -0.43
CA ILE B 151 -15.42 -6.03 0.17
C ILE B 151 -14.26 -5.90 -0.81
N VAL B 152 -13.85 -4.66 -1.07
CA VAL B 152 -12.73 -4.38 -1.95
C VAL B 152 -11.60 -3.79 -1.13
N GLU B 153 -10.46 -4.46 -1.11
CA GLU B 153 -9.34 -4.06 -0.27
C GLU B 153 -8.31 -3.20 -1.02
N LEU B 154 -8.19 -1.94 -0.60
CA LEU B 154 -7.34 -0.98 -1.29
C LEU B 154 -6.37 -0.31 -0.35
N ASP B 155 -5.22 0.08 -0.87
CA ASP B 155 -4.29 0.86 -0.06
C ASP B 155 -4.99 2.11 0.49
N ALA B 156 -4.71 2.44 1.74
CA ALA B 156 -5.37 3.58 2.39
C ALA B 156 -5.31 4.86 1.58
N ALA B 157 -4.19 5.11 0.90
CA ALA B 157 -4.01 6.34 0.14
C ALA B 157 -4.74 6.34 -1.20
N GLN B 158 -5.39 5.23 -1.53
N GLN B 158 -5.37 5.22 -1.52
CA GLN B 158 -6.08 5.14 -2.81
CA GLN B 158 -6.09 5.10 -2.79
C GLN B 158 -7.61 5.12 -2.63
C GLN B 158 -7.60 5.27 -2.60
N LEU B 159 -8.06 5.03 -1.39
CA LEU B 159 -9.49 4.94 -1.09
C LEU B 159 -10.32 6.15 -1.54
N SER B 160 -9.76 7.35 -1.40
CA SER B 160 -10.49 8.56 -1.76
C SER B 160 -10.71 8.67 -3.27
N ARG B 161 -9.83 8.05 -4.05
N ARG B 161 -9.83 8.04 -4.04
CA ARG B 161 -9.93 8.07 -5.50
CA ARG B 161 -9.93 8.05 -5.50
C ARG B 161 -10.81 6.93 -6.03
C ARG B 161 -10.88 6.98 -6.01
N SER B 162 -11.36 6.13 -5.11
CA SER B 162 -12.13 4.96 -5.51
C SER B 162 -13.64 5.18 -5.55
N LEU B 163 -14.09 6.38 -5.18
CA LEU B 163 -15.52 6.61 -5.00
C LEU B 163 -16.34 6.59 -6.31
N GLY B 164 -15.65 6.61 -7.44
CA GLY B 164 -16.32 6.49 -8.71
C GLY B 164 -16.58 5.03 -9.07
N ASP B 165 -15.93 4.12 -8.34
CA ASP B 165 -15.97 2.69 -8.68
C ASP B 165 -16.58 1.81 -7.59
N VAL B 166 -16.89 2.39 -6.44
CA VAL B 166 -17.51 1.63 -5.37
C VAL B 166 -18.71 2.37 -4.83
N ASP B 167 -19.55 1.68 -4.07
CA ASP B 167 -20.76 2.29 -3.54
C ASP B 167 -20.55 2.94 -2.18
N LEU B 168 -19.45 2.57 -1.52
CA LEU B 168 -19.14 3.04 -0.18
C LEU B 168 -17.68 2.76 0.13
N ALA B 169 -17.05 3.66 0.87
CA ALA B 169 -15.65 3.45 1.27
C ALA B 169 -15.39 3.92 2.70
N ALA B 170 -14.70 3.11 3.47
CA ALA B 170 -14.19 3.55 4.75
C ALA B 170 -12.86 4.22 4.50
N ILE B 171 -12.72 5.47 4.93
CA ILE B 171 -11.53 6.23 4.62
C ILE B 171 -10.95 6.88 5.87
N ASN B 172 -9.63 6.76 6.05
CA ASN B 172 -8.96 7.44 7.15
C ASN B 172 -9.07 8.95 6.97
N THR B 173 -9.32 9.64 8.07
CA THR B 173 -9.57 11.07 8.01
C THR B 173 -8.44 11.86 7.36
N ASN B 174 -7.20 11.47 7.62
CA ASN B 174 -6.06 12.20 7.06
C ASN B 174 -6.05 12.15 5.52
N TYR B 175 -6.70 11.13 4.95
CA TYR B 175 -6.81 11.03 3.49
C TYR B 175 -8.14 11.59 2.98
N ALA B 176 -9.17 11.52 3.80
CA ALA B 176 -10.48 12.05 3.43
C ALA B 176 -10.43 13.57 3.25
N ILE B 177 -9.77 14.25 4.19
CA ILE B 177 -9.74 15.72 4.18
C ILE B 177 -9.11 16.32 2.91
N PRO B 178 -7.91 15.86 2.53
CA PRO B 178 -7.30 16.38 1.29
C PRO B 178 -8.14 16.09 0.06
N ALA B 179 -8.98 15.07 0.12
CA ALA B 179 -9.84 14.73 -1.02
C ALA B 179 -11.11 15.58 -1.03
N GLY B 180 -11.21 16.51 -0.10
CA GLY B 180 -12.34 17.41 -0.04
C GLY B 180 -13.52 16.82 0.71
N LEU B 181 -13.28 15.74 1.42
CA LEU B 181 -14.33 15.08 2.19
C LEU B 181 -14.24 15.45 3.66
N SER B 182 -15.38 15.67 4.29
CA SER B 182 -15.41 16.01 5.71
C SER B 182 -16.14 14.92 6.48
N PRO B 183 -15.48 14.38 7.52
CA PRO B 183 -16.12 13.35 8.36
C PRO B 183 -17.45 13.83 8.93
N SER B 184 -17.48 15.07 9.39
CA SER B 184 -18.68 15.65 9.99
C SER B 184 -19.77 15.92 8.95
N ARG B 185 -19.37 16.38 7.78
CA ARG B 185 -20.32 16.88 6.78
C ARG B 185 -20.71 15.86 5.71
N ASP B 186 -19.78 14.99 5.34
CA ASP B 186 -19.97 14.11 4.19
C ASP B 186 -20.16 12.64 4.55
N ALA B 187 -19.61 12.23 5.68
CA ALA B 187 -19.69 10.84 6.08
C ALA B 187 -21.14 10.43 6.38
N LEU B 188 -21.54 9.27 5.89
CA LEU B 188 -22.87 8.73 6.16
C LEU B 188 -22.93 8.24 7.59
N LEU B 189 -21.76 7.90 8.12
CA LEU B 189 -21.64 7.41 9.49
C LEU B 189 -20.16 7.46 9.84
N THR B 190 -19.87 7.61 11.12
CA THR B 190 -18.48 7.53 11.58
C THR B 190 -18.37 6.65 12.81
N GLU B 191 -17.16 6.26 13.16
CA GLU B 191 -16.92 5.59 14.43
C GLU B 191 -17.38 6.48 15.56
N GLY B 192 -17.59 5.89 16.73
CA GLY B 192 -17.84 6.68 17.92
C GLY B 192 -16.56 7.39 18.33
N PRO B 193 -16.60 8.18 19.42
CA PRO B 193 -15.42 8.89 19.89
C PRO B 193 -14.52 8.03 20.78
N ASN B 194 -15.05 6.90 21.25
CA ASN B 194 -14.33 6.06 22.21
C ASN B 194 -13.77 4.77 21.61
N SER B 195 -12.89 4.89 20.63
CA SER B 195 -12.31 3.71 19.99
C SER B 195 -10.87 3.47 20.42
N PRO B 196 -10.28 2.35 20.00
CA PRO B 196 -8.88 2.10 20.31
C PRO B 196 -7.92 2.79 19.33
N TYR B 197 -8.37 3.79 18.59
CA TYR B 197 -7.56 4.32 17.48
C TYR B 197 -6.96 5.70 17.66
N ALA B 198 -6.72 6.10 18.89
CA ALA B 198 -5.99 7.33 19.15
C ALA B 198 -4.60 7.23 18.52
N ASN B 199 -4.18 8.31 17.86
CA ASN B 199 -2.84 8.31 17.31
C ASN B 199 -1.81 8.59 18.39
N VAL B 200 -0.55 8.22 18.14
CA VAL B 200 0.47 8.31 19.16
C VAL B 200 1.76 8.90 18.62
N VAL B 201 2.62 9.36 19.53
CA VAL B 201 3.99 9.68 19.18
C VAL B 201 4.86 8.46 19.45
N ALA B 202 5.50 7.93 18.41
CA ALA B 202 6.36 6.77 18.54
C ALA B 202 7.85 7.14 18.48
N VAL B 203 8.67 6.45 19.27
CA VAL B 203 10.10 6.70 19.30
C VAL B 203 10.83 5.35 19.41
N ARG B 204 12.12 5.34 19.09
CA ARG B 204 12.92 4.15 19.31
C ARG B 204 12.90 3.80 20.79
N GLU B 205 12.83 2.50 21.08
CA GLU B 205 12.81 2.00 22.46
C GLU B 205 13.86 2.64 23.36
N ASP B 206 15.09 2.75 22.85
CA ASP B 206 16.20 3.29 23.65
C ASP B 206 16.05 4.79 23.95
N ASP B 207 15.11 5.45 23.29
CA ASP B 207 14.94 6.89 23.44
C ASP B 207 13.68 7.25 24.21
N LYS B 208 13.03 6.25 24.80
CA LYS B 208 11.72 6.49 25.41
C LYS B 208 11.79 7.52 26.53
N ASN B 209 12.97 7.70 27.12
CA ASN B 209 13.14 8.67 28.21
C ASN B 209 13.85 9.95 27.77
N ASP B 210 13.95 10.17 26.47
CA ASP B 210 14.58 11.38 25.95
C ASP B 210 13.69 12.58 26.26
N PRO B 211 14.21 13.55 27.04
CA PRO B 211 13.41 14.70 27.47
C PRO B 211 12.89 15.55 26.30
N ARG B 212 13.66 15.65 25.22
CA ARG B 212 13.22 16.45 24.08
C ARG B 212 12.01 15.80 23.39
N LEU B 213 12.01 14.48 23.34
CA LEU B 213 10.91 13.77 22.71
C LEU B 213 9.66 13.85 23.58
N LYS B 214 9.86 13.84 24.89
CA LYS B 214 8.73 13.97 25.79
C LYS B 214 8.16 15.38 25.71
N GLN B 215 9.03 16.36 25.46
CA GLN B 215 8.61 17.76 25.31
C GLN B 215 7.79 17.94 24.05
N LEU B 216 8.12 17.18 23.02
CA LEU B 216 7.32 17.16 21.80
C LEU B 216 5.89 16.69 22.10
N VAL B 217 5.76 15.63 22.89
CA VAL B 217 4.44 15.15 23.30
C VAL B 217 3.69 16.21 24.09
N SER B 218 4.40 16.89 25.00
CA SER B 218 3.80 17.96 25.78
C SER B 218 3.29 19.07 24.86
N ALA B 219 4.09 19.44 23.88
CA ALA B 219 3.69 20.46 22.92
C ALA B 219 2.40 20.06 22.19
N LEU B 220 2.28 18.77 21.86
CA LEU B 220 1.12 18.28 21.13
C LEU B 220 -0.15 18.32 21.99
N HIS B 221 0.05 18.39 23.30
CA HIS B 221 -1.06 18.48 24.25
C HIS B 221 -1.43 19.93 24.58
N SER B 222 -0.65 20.89 24.07
CA SER B 222 -0.82 22.29 24.44
C SER B 222 -2.15 22.88 23.96
N PRO B 223 -2.62 23.93 24.65
CA PRO B 223 -3.84 24.63 24.22
C PRO B 223 -3.75 25.12 22.78
N ALA B 224 -2.60 25.66 22.38
CA ALA B 224 -2.42 26.13 21.01
C ALA B 224 -2.60 25.03 19.96
N VAL B 225 -2.10 23.85 20.23
CA VAL B 225 -2.24 22.73 19.30
C VAL B 225 -3.68 22.20 19.29
N LEU B 226 -4.28 22.09 20.47
CA LEU B 226 -5.69 21.70 20.56
C LEU B 226 -6.57 22.70 19.81
N SER B 227 -6.25 23.98 19.94
CA SER B 227 -6.99 25.01 19.21
C SER B 227 -6.80 24.85 17.70
N ALA B 228 -5.57 24.57 17.28
CA ALA B 228 -5.30 24.35 15.86
C ALA B 228 -6.02 23.10 15.34
N ALA B 229 -6.06 22.05 16.15
CA ALA B 229 -6.75 20.83 15.76
C ALA B 229 -8.22 21.12 15.45
N LYS B 230 -8.83 21.98 16.25
CA LYS B 230 -10.22 22.36 16.04
C LYS B 230 -10.42 23.06 14.69
N LYS B 231 -9.46 23.92 14.33
CA LYS B 231 -9.54 24.64 13.05
C LYS B 231 -9.32 23.71 11.86
N ILE B 232 -8.39 22.77 12.00
CA ILE B 232 -8.01 21.89 10.91
C ILE B 232 -8.99 20.72 10.74
N PHE B 233 -9.39 20.13 11.86
CA PHE B 233 -10.21 18.91 11.83
C PHE B 233 -11.65 19.10 12.29
N GLY B 234 -11.94 20.20 12.98
CA GLY B 234 -13.26 20.39 13.54
C GLY B 234 -13.63 19.21 14.43
N ASP B 235 -14.87 18.76 14.34
CA ASP B 235 -15.34 17.64 15.16
C ASP B 235 -14.67 16.31 14.80
N GLY B 236 -13.87 16.31 13.73
CA GLY B 236 -13.22 15.11 13.26
C GLY B 236 -11.98 14.69 14.03
N ALA B 237 -11.57 15.50 15.01
CA ALA B 237 -10.44 15.17 15.87
C ALA B 237 -10.80 15.40 17.32
N ILE B 238 -10.47 14.43 18.18
CA ILE B 238 -10.74 14.54 19.60
C ILE B 238 -9.45 14.27 20.35
N PRO B 239 -9.04 15.22 21.20
CA PRO B 239 -7.80 15.09 21.98
C PRO B 239 -7.84 13.79 22.76
N ALA B 240 -6.71 13.08 22.84
CA ALA B 240 -6.68 11.80 23.52
C ALA B 240 -5.61 11.73 24.61
#